data_1K89
#
_entry.id   1K89
#
_cell.length_a   161.800
_cell.length_b   161.800
_cell.length_c   102.500
_cell.angle_alpha   90.00
_cell.angle_beta   90.00
_cell.angle_gamma   120.00
#
_symmetry.space_group_name_H-M   'H 3 2'
#
loop_
_entity.id
_entity.type
_entity.pdbx_description
1 polymer 'GLUTAMATE DEHYDROGENASE'
2 water water
#
_entity_poly.entity_id   1
_entity_poly.type   'polypeptide(L)'
_entity_poly.pdbx_seq_one_letter_code
;SKYVDRVIAEVEKKYADEPEFVQTVEEVLSSLGPVVDAHPEYEEVALLERMVIPERVIEFRVPWEDDNGKVHVNTGYRVQ
FNGAIGPYLGGLRFAPSVNLSIMKFLGFEQAFKDSLTTLPMGGAKGGSDFDPNGKSDREVMRFCQAFMTELYRHIGPDID
VPAGDLGVGARELGYMYGQYRKIVGGFYNGVLTGKARSFGGSLVRPEATGYGSVYYVEAVMKHENDTLVGKTVALAGFGN
VAWGAAKKLAELGAKAVTLSGPDGYIYDPEGITTEEKINYMLEMRASGRNKVQDYADKFGVQFFPGEKPWGQKVDIIMPC
ATQNDVDLEQAKKIVANNVKYYIEVANMPTTNEALRFLMQQPNMVVAPSKAVNAGGVLVSGFEMSQNSERLSWTAEEVDS
KLHQVMTDIHDGSAAAAERYGLGYNLVAGANIVGFQKIADAMMAQGIAW
;
_entity_poly.pdbx_strand_id   A
#
# COMPACT_ATOMS: atom_id res chain seq x y z
N SER A 1 26.32 -2.41 -10.07
CA SER A 1 27.03 -1.26 -9.51
C SER A 1 27.79 -1.78 -8.32
N LYS A 2 29.11 -1.57 -8.33
CA LYS A 2 29.86 -2.00 -7.20
C LYS A 2 29.36 -1.24 -5.95
N TYR A 3 28.99 0.04 -6.12
CA TYR A 3 28.57 0.89 -4.98
C TYR A 3 27.27 0.31 -4.43
N VAL A 4 26.31 0.09 -5.31
CA VAL A 4 25.09 -0.50 -4.86
C VAL A 4 25.36 -1.83 -4.19
N ASP A 5 26.24 -2.64 -4.79
CA ASP A 5 26.50 -3.96 -4.22
C ASP A 5 27.10 -3.83 -2.84
N ARG A 6 28.01 -2.89 -2.69
CA ARG A 6 28.60 -2.72 -1.36
C ARG A 6 27.55 -2.34 -0.25
N VAL A 7 26.66 -1.41 -0.57
CA VAL A 7 25.67 -0.97 0.43
C VAL A 7 24.76 -2.12 0.87
N ILE A 8 24.36 -2.96 -0.10
CA ILE A 8 23.52 -4.11 0.19
C ILE A 8 24.27 -5.05 1.13
N ALA A 9 25.55 -5.28 0.87
CA ALA A 9 26.35 -6.18 1.70
C ALA A 9 26.45 -5.67 3.12
N GLU A 10 26.60 -4.38 3.27
CA GLU A 10 26.69 -3.76 4.61
C GLU A 10 25.33 -3.87 5.36
N VAL A 11 24.25 -3.66 4.61
CA VAL A 11 22.95 -3.76 5.21
C VAL A 11 22.72 -5.16 5.71
N GLU A 12 22.89 -6.14 4.84
CA GLU A 12 22.74 -7.57 5.15
C GLU A 12 23.47 -7.95 6.41
N LYS A 13 24.66 -7.43 6.52
CA LYS A 13 25.40 -7.75 7.71
C LYS A 13 24.91 -6.96 8.97
N LYS A 14 24.74 -5.66 8.87
CA LYS A 14 24.35 -4.86 10.04
C LYS A 14 22.93 -5.15 10.52
N TYR A 15 22.04 -5.41 9.61
CA TYR A 15 20.67 -5.59 10.08
C TYR A 15 20.19 -7.04 9.91
N ALA A 16 21.10 -7.98 10.12
CA ALA A 16 20.86 -9.44 10.00
C ALA A 16 19.57 -9.91 10.69
N ASP A 17 19.28 -9.27 11.81
CA ASP A 17 18.12 -9.58 12.65
C ASP A 17 16.86 -8.92 12.20
N GLU A 18 16.93 -8.26 11.06
CA GLU A 18 15.78 -7.60 10.49
C GLU A 18 15.65 -8.09 9.04
N PRO A 19 15.32 -9.35 8.90
CA PRO A 19 15.23 -9.98 7.59
C PRO A 19 14.34 -9.28 6.63
N GLU A 20 13.15 -8.87 7.11
CA GLU A 20 12.17 -8.20 6.22
C GLU A 20 12.76 -6.93 5.63
N PHE A 21 13.46 -6.17 6.47
CA PHE A 21 14.07 -4.92 6.03
C PHE A 21 15.21 -5.17 4.98
N VAL A 22 16.09 -6.11 5.32
CA VAL A 22 17.18 -6.48 4.44
C VAL A 22 16.69 -6.86 3.05
N GLN A 23 15.69 -7.72 3.03
CA GLN A 23 15.23 -8.17 1.73
C GLN A 23 14.71 -6.97 0.93
N THR A 24 13.96 -6.08 1.57
CA THR A 24 13.37 -4.97 0.82
C THR A 24 14.45 -4.07 0.23
N VAL A 25 15.48 -3.80 1.03
CA VAL A 25 16.57 -2.94 0.57
C VAL A 25 17.26 -3.59 -0.67
N GLU A 26 17.53 -4.89 -0.58
CA GLU A 26 18.16 -5.51 -1.69
C GLU A 26 17.31 -5.43 -2.92
N GLU A 27 16.05 -5.74 -2.73
CA GLU A 27 15.21 -5.76 -3.87
C GLU A 27 15.15 -4.38 -4.49
N VAL A 28 14.99 -3.34 -3.67
CA VAL A 28 14.91 -2.00 -4.25
C VAL A 28 16.25 -1.47 -4.79
N LEU A 29 17.32 -1.56 -4.00
CA LEU A 29 18.58 -1.02 -4.46
C LEU A 29 19.11 -1.70 -5.71
N SER A 30 18.92 -3.01 -5.81
CA SER A 30 19.41 -3.77 -6.94
C SER A 30 18.82 -3.31 -8.28
N SER A 31 17.64 -2.71 -8.27
CA SER A 31 17.14 -2.20 -9.55
C SER A 31 17.66 -0.81 -9.98
N LEU A 32 18.39 -0.13 -9.11
CA LEU A 32 18.85 1.26 -9.30
C LEU A 32 20.26 1.28 -9.84
N GLY A 33 20.83 0.09 -10.00
CA GLY A 33 22.19 -0.05 -10.48
C GLY A 33 22.46 0.91 -11.63
N PRO A 34 21.69 0.82 -12.69
CA PRO A 34 21.92 1.68 -13.82
C PRO A 34 21.91 3.18 -13.53
N VAL A 35 21.04 3.61 -12.60
CA VAL A 35 20.87 5.05 -12.29
C VAL A 35 22.03 5.57 -11.46
N VAL A 36 22.41 4.72 -10.52
CA VAL A 36 23.48 5.08 -9.64
C VAL A 36 24.76 5.22 -10.46
N ASP A 37 24.99 4.25 -11.35
CA ASP A 37 26.18 4.26 -12.20
C ASP A 37 26.29 5.55 -13.05
N ALA A 38 25.13 6.11 -13.39
CA ALA A 38 25.06 7.36 -14.13
C ALA A 38 25.32 8.59 -13.25
N HIS A 39 25.35 8.42 -11.93
CA HIS A 39 25.58 9.53 -11.00
C HIS A 39 26.59 9.23 -9.94
N PRO A 40 27.84 9.37 -10.32
CA PRO A 40 29.00 9.18 -9.46
C PRO A 40 28.95 10.08 -8.26
N GLU A 41 28.34 11.25 -8.42
CA GLU A 41 28.23 12.21 -7.35
C GLU A 41 27.49 11.63 -6.14
N TYR A 42 26.58 10.70 -6.37
CA TYR A 42 25.87 10.12 -5.23
C TYR A 42 26.80 9.50 -4.19
N GLU A 43 27.71 8.69 -4.69
CA GLU A 43 28.61 8.00 -3.81
C GLU A 43 29.48 8.97 -3.02
N GLU A 44 29.84 10.08 -3.66
CA GLU A 44 30.71 11.04 -2.97
C GLU A 44 30.07 11.62 -1.70
N VAL A 45 28.73 11.64 -1.63
CA VAL A 45 28.02 12.16 -0.45
C VAL A 45 27.34 11.05 0.33
N ALA A 46 27.71 9.79 0.02
CA ALA A 46 27.20 8.62 0.74
C ALA A 46 25.66 8.63 0.73
N LEU A 47 25.13 8.96 -0.45
CA LEU A 47 23.70 9.04 -0.61
C LEU A 47 22.97 7.76 -0.18
N LEU A 48 23.41 6.61 -0.68
CA LEU A 48 22.71 5.37 -0.37
C LEU A 48 22.85 4.98 1.09
N GLU A 49 24.03 5.24 1.65
CA GLU A 49 24.26 4.88 3.01
C GLU A 49 23.33 5.70 3.90
N ARG A 50 23.11 6.95 3.54
CA ARG A 50 22.17 7.77 4.31
C ARG A 50 20.72 7.27 4.16
N MET A 51 20.32 6.99 2.92
CA MET A 51 18.96 6.56 2.66
C MET A 51 18.52 5.33 3.37
N VAL A 52 19.43 4.42 3.65
CA VAL A 52 19.00 3.18 4.25
C VAL A 52 18.81 3.27 5.72
N ILE A 53 19.15 4.41 6.27
CA ILE A 53 18.96 4.61 7.71
C ILE A 53 17.82 5.61 7.95
N PRO A 54 16.77 5.22 8.66
CA PRO A 54 15.66 6.17 8.84
C PRO A 54 16.17 7.44 9.51
N GLU A 55 15.58 8.58 9.14
CA GLU A 55 15.96 9.85 9.80
C GLU A 55 15.76 9.73 11.28
N ARG A 56 14.60 9.20 11.67
CA ARG A 56 14.26 9.14 13.08
C ARG A 56 13.36 7.91 13.32
N VAL A 57 13.65 7.17 14.41
CA VAL A 57 12.84 6.02 14.83
C VAL A 57 12.29 6.32 16.27
N ILE A 58 11.00 6.15 16.52
CA ILE A 58 10.50 6.36 17.90
C ILE A 58 9.76 5.08 18.31
N GLU A 59 10.08 4.54 19.49
CA GLU A 59 9.35 3.39 20.02
C GLU A 59 8.93 3.86 21.39
N PHE A 60 7.75 3.46 21.85
CA PHE A 60 7.33 3.93 23.20
C PHE A 60 6.40 2.92 23.88
N ARG A 61 6.31 3.03 25.18
CA ARG A 61 5.47 2.13 25.96
C ARG A 61 4.02 2.50 25.82
N VAL A 62 3.13 1.52 25.79
CA VAL A 62 1.71 1.83 25.74
C VAL A 62 0.89 0.99 26.71
N PRO A 63 0.71 1.49 27.92
CA PRO A 63 -0.12 0.80 28.94
C PRO A 63 -1.54 1.26 28.72
N TRP A 64 -2.46 0.34 28.91
CA TRP A 64 -3.89 0.63 28.76
C TRP A 64 -4.74 -0.37 29.58
N GLU A 65 -5.95 0.01 29.93
CA GLU A 65 -6.80 -0.86 30.76
C GLU A 65 -7.95 -1.45 29.94
N ASP A 66 -8.25 -2.74 30.19
CA ASP A 66 -9.36 -3.29 29.42
C ASP A 66 -10.66 -3.05 30.16
N ASP A 67 -11.74 -3.56 29.56
CA ASP A 67 -13.10 -3.42 30.10
C ASP A 67 -13.24 -4.06 31.49
N ASN A 68 -12.40 -5.05 31.80
CA ASN A 68 -12.37 -5.71 33.10
C ASN A 68 -11.46 -5.02 34.06
N GLY A 69 -10.78 -3.94 33.68
CA GLY A 69 -9.96 -3.26 34.66
C GLY A 69 -8.58 -3.86 34.64
N LYS A 70 -8.31 -4.80 33.75
CA LYS A 70 -6.96 -5.34 33.79
C LYS A 70 -6.05 -4.46 32.96
N VAL A 71 -4.81 -4.30 33.41
CA VAL A 71 -3.83 -3.49 32.70
C VAL A 71 -2.95 -4.29 31.74
N HIS A 72 -2.89 -3.83 30.50
CA HIS A 72 -2.06 -4.41 29.45
C HIS A 72 -0.98 -3.42 29.00
N VAL A 73 0.09 -3.94 28.45
CA VAL A 73 1.20 -3.10 27.98
C VAL A 73 1.64 -3.48 26.59
N ASN A 74 1.55 -2.56 25.64
CA ASN A 74 2.04 -2.84 24.32
C ASN A 74 3.12 -1.81 23.97
N THR A 75 3.67 -1.96 22.78
CA THR A 75 4.75 -1.10 22.34
C THR A 75 4.28 -0.38 21.12
N GLY A 76 4.56 0.94 21.06
CA GLY A 76 4.19 1.80 19.92
C GLY A 76 5.45 2.11 19.07
N TYR A 77 5.28 2.28 17.76
CA TYR A 77 6.41 2.59 16.88
C TYR A 77 6.00 3.69 15.94
N ARG A 78 7.00 4.47 15.53
CA ARG A 78 6.83 5.38 14.38
C ARG A 78 8.26 5.50 13.80
N VAL A 79 8.41 5.08 12.56
CA VAL A 79 9.67 5.15 11.90
C VAL A 79 9.50 6.28 10.88
N GLN A 80 10.23 7.37 11.07
CA GLN A 80 10.15 8.52 10.12
C GLN A 80 11.35 8.38 9.16
N PHE A 81 11.13 7.63 8.11
CA PHE A 81 12.21 7.23 7.26
C PHE A 81 12.88 8.33 6.41
N ASN A 82 12.09 9.05 5.63
CA ASN A 82 12.62 10.06 4.73
C ASN A 82 11.61 11.20 4.55
N GLY A 83 12.04 12.43 4.79
CA GLY A 83 11.17 13.59 4.70
C GLY A 83 11.79 14.61 3.72
N ALA A 84 12.61 14.18 2.75
CA ALA A 84 13.24 15.13 1.84
C ALA A 84 12.24 15.93 0.99
N ILE A 85 11.12 15.28 0.66
CA ILE A 85 10.18 15.92 -0.29
C ILE A 85 8.81 16.26 0.27
N GLY A 86 8.59 16.01 1.56
CA GLY A 86 7.31 16.36 2.19
C GLY A 86 7.30 15.86 3.61
N PRO A 87 6.25 16.22 4.32
CA PRO A 87 6.07 15.74 5.67
C PRO A 87 6.08 14.21 5.60
N TYR A 88 6.57 13.55 6.63
CA TYR A 88 6.54 12.10 6.60
C TYR A 88 5.09 11.67 6.48
N LEU A 89 4.84 10.53 5.85
CA LEU A 89 3.46 10.10 5.74
C LEU A 89 3.46 8.60 5.67
N GLY A 90 2.48 7.93 6.28
CA GLY A 90 2.42 6.44 6.16
C GLY A 90 1.45 5.91 7.18
N GLY A 91 0.87 4.73 6.88
CA GLY A 91 -0.15 4.12 7.76
C GLY A 91 0.32 3.62 9.10
N LEU A 92 -0.63 3.22 9.94
CA LEU A 92 -0.35 2.70 11.27
C LEU A 92 -0.92 1.31 11.17
N ARG A 93 -0.18 0.34 11.69
CA ARG A 93 -0.61 -1.02 11.60
C ARG A 93 -0.73 -1.56 13.03
N PHE A 94 -1.88 -2.15 13.42
CA PHE A 94 -2.01 -2.72 14.78
C PHE A 94 -2.08 -4.25 14.57
N ALA A 95 -1.06 -5.02 14.91
CA ALA A 95 -1.07 -6.49 14.68
C ALA A 95 0.01 -7.04 15.58
N PRO A 96 -0.25 -8.21 16.16
CA PRO A 96 0.68 -8.79 17.14
C PRO A 96 2.09 -9.08 16.58
N SER A 97 2.21 -9.16 15.25
CA SER A 97 3.49 -9.43 14.59
C SER A 97 4.40 -8.21 14.40
N VAL A 98 3.83 -7.02 14.57
CA VAL A 98 4.58 -5.79 14.35
C VAL A 98 5.84 -5.70 15.17
N ASN A 99 6.95 -5.37 14.51
CA ASN A 99 8.18 -5.13 15.24
C ASN A 99 8.94 -4.11 14.41
N LEU A 100 10.12 -3.74 14.89
CA LEU A 100 10.89 -2.72 14.18
C LEU A 100 11.21 -3.17 12.75
N SER A 101 11.69 -4.40 12.58
CA SER A 101 11.99 -4.90 11.22
C SER A 101 10.88 -4.65 10.24
N ILE A 102 9.70 -5.04 10.63
CA ILE A 102 8.60 -4.84 9.72
C ILE A 102 8.29 -3.33 9.46
N MET A 103 8.35 -2.50 10.52
CA MET A 103 8.09 -1.05 10.35
C MET A 103 9.09 -0.44 9.37
N LYS A 104 10.37 -0.79 9.55
CA LYS A 104 11.39 -0.28 8.65
C LYS A 104 11.11 -0.72 7.23
N PHE A 105 10.82 -1.98 7.02
CA PHE A 105 10.59 -2.37 5.64
C PHE A 105 9.41 -1.64 4.99
N LEU A 106 8.30 -1.54 5.71
CA LEU A 106 7.11 -0.91 5.13
C LEU A 106 7.42 0.56 4.99
N GLY A 107 8.16 1.08 5.95
CA GLY A 107 8.49 2.50 5.92
C GLY A 107 9.48 2.83 4.78
N PHE A 108 10.42 1.94 4.49
CA PHE A 108 11.38 2.24 3.37
C PHE A 108 10.61 2.24 2.06
N GLU A 109 9.73 1.24 1.92
CA GLU A 109 8.96 1.18 0.72
C GLU A 109 8.04 2.37 0.59
N GLN A 110 7.47 2.82 1.71
CA GLN A 110 6.52 3.96 1.72
C GLN A 110 7.13 5.22 1.12
N ALA A 111 8.43 5.41 1.38
CA ALA A 111 9.13 6.57 0.87
C ALA A 111 9.12 6.55 -0.62
N PHE A 112 9.36 5.36 -1.22
CA PHE A 112 9.36 5.25 -2.68
C PHE A 112 7.96 5.40 -3.26
N LYS A 113 6.98 4.78 -2.62
CA LYS A 113 5.63 4.91 -3.10
C LYS A 113 5.19 6.38 -3.07
N ASP A 114 5.47 7.03 -1.94
CA ASP A 114 5.01 8.40 -1.81
C ASP A 114 5.62 9.38 -2.84
N SER A 115 6.87 9.10 -3.19
CA SER A 115 7.59 9.86 -4.18
C SER A 115 6.97 9.75 -5.58
N LEU A 116 6.45 8.58 -5.90
CA LEU A 116 5.80 8.37 -7.19
C LEU A 116 4.53 9.15 -7.40
N THR A 117 3.82 9.48 -6.32
CA THR A 117 2.54 10.14 -6.46
C THR A 117 2.66 11.46 -7.09
N THR A 118 3.85 12.02 -7.04
CA THR A 118 4.13 13.37 -7.53
C THR A 118 3.67 14.39 -6.51
N LEU A 119 3.12 13.98 -5.39
CA LEU A 119 2.73 14.98 -4.37
C LEU A 119 3.91 15.10 -3.35
N PRO A 120 3.94 16.17 -2.53
CA PRO A 120 5.01 16.37 -1.56
C PRO A 120 4.73 15.51 -0.34
N MET A 121 5.25 14.31 -0.36
CA MET A 121 4.98 13.42 0.72
C MET A 121 6.21 12.58 0.95
N GLY A 122 6.68 12.58 2.20
CA GLY A 122 7.85 11.82 2.63
C GLY A 122 7.33 10.43 2.93
N GLY A 123 8.10 9.64 3.62
CA GLY A 123 7.69 8.26 3.87
C GLY A 123 7.90 7.86 5.33
N ALA A 124 6.92 7.16 5.89
CA ALA A 124 7.03 6.70 7.26
C ALA A 124 6.06 5.51 7.44
N LYS A 125 6.16 4.85 8.59
CA LYS A 125 5.25 3.76 8.93
C LYS A 125 5.26 3.65 10.44
N GLY A 126 4.17 3.20 11.04
CA GLY A 126 4.18 3.07 12.50
C GLY A 126 3.12 2.06 12.90
N GLY A 127 2.92 1.87 14.18
CA GLY A 127 1.91 0.97 14.60
C GLY A 127 2.25 0.48 16.01
N SER A 128 1.69 -0.70 16.33
CA SER A 128 1.80 -1.35 17.65
C SER A 128 1.60 -2.85 17.56
N ASP A 129 2.17 -3.57 18.52
CA ASP A 129 1.96 -5.02 18.53
C ASP A 129 0.61 -5.32 19.20
N PHE A 130 -0.14 -4.28 19.53
CA PHE A 130 -1.49 -4.41 20.05
C PHE A 130 -2.31 -5.20 19.00
N ASP A 131 -3.12 -6.15 19.48
CA ASP A 131 -3.98 -6.95 18.59
C ASP A 131 -5.42 -6.52 18.77
N PRO A 132 -6.01 -5.79 17.82
CA PRO A 132 -7.42 -5.35 17.98
C PRO A 132 -8.46 -6.47 17.97
N ASN A 133 -8.09 -7.67 17.54
CA ASN A 133 -9.03 -8.79 17.51
C ASN A 133 -9.49 -9.16 18.90
N GLY A 134 -10.81 -9.23 19.02
CA GLY A 134 -11.49 -9.59 20.27
C GLY A 134 -11.54 -8.47 21.29
N LYS A 135 -11.28 -7.23 20.89
CA LYS A 135 -11.28 -6.13 21.84
C LYS A 135 -12.62 -5.48 21.68
N SER A 136 -13.14 -4.87 22.74
CA SER A 136 -14.37 -4.08 22.56
C SER A 136 -14.02 -2.75 21.93
N ASP A 137 -15.06 -2.06 21.48
CA ASP A 137 -14.95 -0.72 20.92
C ASP A 137 -14.33 0.19 21.94
N ARG A 138 -14.73 0.00 23.18
CA ARG A 138 -14.24 0.80 24.26
C ARG A 138 -12.78 0.49 24.54
N GLU A 139 -12.39 -0.77 24.42
CA GLU A 139 -10.97 -1.12 24.65
C GLU A 139 -10.07 -0.53 23.53
N VAL A 140 -10.54 -0.58 22.30
CA VAL A 140 -9.80 -0.01 21.21
C VAL A 140 -9.67 1.49 21.41
N MET A 141 -10.73 2.11 21.91
CA MET A 141 -10.70 3.55 22.16
C MET A 141 -9.62 3.93 23.20
N ARG A 142 -9.59 3.21 24.32
CA ARG A 142 -8.67 3.51 25.38
C ARG A 142 -7.26 3.28 24.87
N PHE A 143 -7.07 2.28 24.02
CA PHE A 143 -5.74 2.02 23.52
C PHE A 143 -5.33 3.15 22.60
N CYS A 144 -6.23 3.54 21.70
CA CYS A 144 -5.92 4.64 20.79
C CYS A 144 -5.57 5.94 21.53
N GLN A 145 -6.27 6.22 22.63
CA GLN A 145 -5.98 7.39 23.42
C GLN A 145 -4.60 7.29 24.07
N ALA A 146 -4.29 6.12 24.61
CA ALA A 146 -3.01 5.98 25.32
C ALA A 146 -1.88 6.10 24.28
N PHE A 147 -2.11 5.50 23.11
CA PHE A 147 -1.16 5.48 21.99
C PHE A 147 -0.86 6.92 21.53
N MET A 148 -1.92 7.70 21.29
CA MET A 148 -1.78 9.12 20.88
C MET A 148 -1.20 10.06 21.95
N THR A 149 -1.39 9.70 23.22
CA THR A 149 -0.93 10.55 24.28
C THR A 149 0.60 10.66 24.20
N GLU A 150 1.26 9.69 23.64
CA GLU A 150 2.70 9.85 23.46
C GLU A 150 2.97 10.27 22.02
N LEU A 151 2.29 9.68 21.06
CA LEU A 151 2.61 9.97 19.69
C LEU A 151 2.41 11.44 19.29
N TYR A 152 1.47 12.12 19.92
CA TYR A 152 1.13 13.47 19.40
C TYR A 152 2.32 14.40 19.25
N ARG A 153 3.28 14.23 20.15
CA ARG A 153 4.45 15.10 20.19
C ARG A 153 5.42 14.93 19.06
N HIS A 154 5.29 13.83 18.32
CA HIS A 154 6.17 13.53 17.19
C HIS A 154 5.56 13.77 15.82
N ILE A 155 4.28 14.13 15.77
CA ILE A 155 3.65 14.26 14.47
C ILE A 155 3.00 15.63 14.34
N GLY A 156 2.33 15.89 13.23
CA GLY A 156 1.64 17.16 13.10
C GLY A 156 1.46 17.35 11.60
N PRO A 157 0.52 18.20 11.23
CA PRO A 157 0.22 18.41 9.82
C PRO A 157 1.41 18.80 8.92
N ASP A 158 2.46 19.39 9.47
CA ASP A 158 3.57 19.75 8.59
C ASP A 158 4.73 18.91 8.96
N ILE A 159 4.50 17.91 9.78
CA ILE A 159 5.60 17.07 10.26
C ILE A 159 5.48 15.61 9.84
N ASP A 160 4.40 14.96 10.28
CA ASP A 160 4.18 13.52 10.06
C ASP A 160 2.70 13.24 10.11
N VAL A 161 2.16 12.72 9.03
CA VAL A 161 0.72 12.51 8.93
C VAL A 161 0.44 11.01 8.82
N PRO A 162 -0.07 10.42 9.89
CA PRO A 162 -0.36 8.97 9.87
C PRO A 162 -1.67 8.70 9.16
N ALA A 163 -1.86 7.46 8.78
CA ALA A 163 -3.04 7.07 8.05
C ALA A 163 -3.37 5.63 8.48
N GLY A 164 -4.47 5.08 7.97
CA GLY A 164 -4.81 3.69 8.31
C GLY A 164 -3.96 2.58 7.60
N ASP A 165 -4.06 1.36 8.11
CA ASP A 165 -3.34 0.20 7.55
C ASP A 165 -3.99 -1.01 8.18
N LEU A 166 -3.33 -2.17 8.20
CA LEU A 166 -3.93 -3.35 8.84
C LEU A 166 -4.23 -3.07 10.30
N GLY A 167 -5.45 -3.35 10.71
CA GLY A 167 -5.82 -3.12 12.10
C GLY A 167 -6.21 -1.66 12.45
N VAL A 168 -6.00 -0.73 11.51
CA VAL A 168 -6.34 0.67 11.77
C VAL A 168 -7.24 1.22 10.70
N GLY A 169 -8.54 1.42 11.01
CA GLY A 169 -9.46 1.96 10.02
C GLY A 169 -10.06 3.28 10.46
N ALA A 170 -11.21 3.62 9.93
CA ALA A 170 -11.82 4.89 10.27
C ALA A 170 -12.09 4.98 11.74
N ARG A 171 -12.50 3.91 12.31
CA ARG A 171 -12.78 4.01 13.71
C ARG A 171 -11.58 4.40 14.60
N GLU A 172 -10.45 3.74 14.39
CA GLU A 172 -9.23 4.00 15.16
C GLU A 172 -8.72 5.44 14.85
N LEU A 173 -8.80 5.82 13.59
CA LEU A 173 -8.35 7.15 13.22
C LEU A 173 -9.18 8.19 14.00
N GLY A 174 -10.51 7.96 14.09
CA GLY A 174 -11.41 8.88 14.76
C GLY A 174 -11.01 9.00 16.22
N TYR A 175 -10.78 7.87 16.87
CA TYR A 175 -10.45 7.93 18.26
C TYR A 175 -9.11 8.61 18.49
N MET A 176 -8.12 8.34 17.65
CA MET A 176 -6.77 8.94 17.82
C MET A 176 -6.86 10.48 17.60
N TYR A 177 -7.62 10.84 16.59
CA TYR A 177 -7.81 12.25 16.32
C TYR A 177 -8.54 12.94 17.50
N GLY A 178 -9.56 12.30 18.06
CA GLY A 178 -10.20 12.90 19.20
C GLY A 178 -9.21 13.24 20.32
N GLN A 179 -8.29 12.31 20.61
CA GLN A 179 -7.35 12.53 21.70
C GLN A 179 -6.37 13.63 21.27
N TYR A 180 -5.99 13.61 20.00
CA TYR A 180 -5.02 14.58 19.54
C TYR A 180 -5.58 15.99 19.72
N ARG A 181 -6.78 16.21 19.23
CA ARG A 181 -7.31 17.57 19.30
C ARG A 181 -7.46 18.07 20.75
N LYS A 182 -7.80 17.15 21.63
CA LYS A 182 -7.98 17.49 23.01
C LYS A 182 -6.63 17.86 23.59
N ILE A 183 -5.59 17.08 23.34
CA ILE A 183 -4.29 17.44 23.96
C ILE A 183 -3.70 18.75 23.40
N VAL A 184 -3.73 18.89 22.08
CA VAL A 184 -3.14 20.05 21.46
C VAL A 184 -3.98 21.29 21.58
N GLY A 185 -5.28 21.16 21.82
CA GLY A 185 -6.06 22.35 22.07
C GLY A 185 -6.43 23.15 20.81
N GLY A 186 -6.35 22.49 19.67
CA GLY A 186 -6.73 23.10 18.39
C GLY A 186 -7.32 22.07 17.41
N PHE A 187 -7.57 22.49 16.19
CA PHE A 187 -8.16 21.60 15.20
C PHE A 187 -7.08 20.80 14.47
N TYR A 188 -6.32 21.44 13.57
CA TYR A 188 -5.21 20.78 12.86
C TYR A 188 -5.61 19.42 12.32
N ASN A 189 -6.77 19.32 11.66
CA ASN A 189 -7.23 17.99 11.28
C ASN A 189 -6.40 17.33 10.20
N GLY A 190 -5.47 18.05 9.60
CA GLY A 190 -4.63 17.47 8.53
C GLY A 190 -3.54 16.57 9.20
N VAL A 191 -3.61 16.44 10.51
CA VAL A 191 -2.64 15.63 11.23
C VAL A 191 -2.81 14.11 10.86
N LEU A 192 -3.98 13.70 10.42
CA LEU A 192 -4.22 12.27 10.08
C LEU A 192 -5.04 12.25 8.84
N THR A 193 -4.95 11.17 8.10
CA THR A 193 -5.84 11.02 6.96
C THR A 193 -6.68 9.71 7.10
N GLY A 194 -7.68 9.57 6.24
CA GLY A 194 -8.57 8.44 6.41
C GLY A 194 -9.66 8.87 7.39
N LYS A 195 -9.83 10.18 7.61
CA LYS A 195 -10.85 10.64 8.53
C LYS A 195 -12.29 10.48 7.96
N ALA A 196 -13.28 10.50 8.84
CA ALA A 196 -14.69 10.53 8.44
C ALA A 196 -14.94 11.94 7.87
N ARG A 197 -15.96 12.05 7.01
CA ARG A 197 -16.28 13.31 6.32
C ARG A 197 -16.64 14.39 7.30
N SER A 198 -17.32 14.03 8.38
CA SER A 198 -17.80 15.03 9.32
C SER A 198 -16.70 15.91 9.89
N PHE A 199 -15.47 15.40 9.88
CA PHE A 199 -14.38 16.20 10.43
C PHE A 199 -13.22 16.33 9.48
N GLY A 200 -13.53 16.36 8.20
CA GLY A 200 -12.48 16.63 7.23
C GLY A 200 -12.08 15.55 6.26
N GLY A 201 -12.70 14.38 6.35
CA GLY A 201 -12.37 13.27 5.42
C GLY A 201 -12.70 13.64 3.98
N SER A 202 -12.02 13.01 3.00
CA SER A 202 -12.24 13.29 1.58
C SER A 202 -13.21 12.33 0.93
N LEU A 203 -13.96 12.84 -0.05
CA LEU A 203 -14.83 11.99 -0.84
C LEU A 203 -13.83 11.06 -1.57
N VAL A 204 -14.29 9.87 -1.98
CA VAL A 204 -13.54 8.84 -2.74
C VAL A 204 -12.47 8.13 -1.96
N ARG A 205 -12.39 8.37 -0.67
CA ARG A 205 -11.30 7.77 0.07
C ARG A 205 -11.46 6.28 0.19
N PRO A 206 -12.66 5.79 0.48
CA PRO A 206 -12.89 4.34 0.53
C PRO A 206 -12.64 3.66 -0.85
N GLU A 207 -13.06 4.29 -1.93
CA GLU A 207 -12.85 3.72 -3.25
C GLU A 207 -11.40 3.88 -3.79
N ALA A 208 -10.63 4.82 -3.25
CA ALA A 208 -9.31 5.20 -3.78
C ALA A 208 -8.37 4.13 -4.22
N THR A 209 -8.09 3.19 -3.33
CA THR A 209 -7.13 2.15 -3.71
C THR A 209 -7.57 1.27 -4.83
N GLY A 210 -8.79 0.74 -4.72
CA GLY A 210 -9.31 -0.13 -5.74
C GLY A 210 -9.46 0.59 -7.02
N TYR A 211 -10.05 1.77 -7.00
CA TYR A 211 -10.22 2.48 -8.29
C TYR A 211 -8.91 2.81 -8.93
N GLY A 212 -7.96 3.21 -8.11
CA GLY A 212 -6.69 3.67 -8.64
C GLY A 212 -5.98 2.50 -9.34
N SER A 213 -6.12 1.30 -8.77
CA SER A 213 -5.44 0.13 -9.33
C SER A 213 -6.01 -0.19 -10.72
N VAL A 214 -7.30 0.09 -10.94
CA VAL A 214 -7.89 -0.11 -12.27
C VAL A 214 -7.50 0.96 -13.29
N TYR A 215 -7.36 2.23 -12.86
CA TYR A 215 -6.91 3.29 -13.77
C TYR A 215 -5.45 2.97 -14.23
N TYR A 216 -4.67 2.32 -13.35
CA TYR A 216 -3.30 1.93 -13.71
C TYR A 216 -3.34 0.82 -14.78
N VAL A 217 -4.18 -0.19 -14.56
CA VAL A 217 -4.32 -1.32 -15.49
C VAL A 217 -4.76 -0.81 -16.84
N GLU A 218 -5.60 0.19 -16.79
CA GLU A 218 -6.05 0.81 -18.03
C GLU A 218 -4.87 1.43 -18.81
N ALA A 219 -3.96 2.07 -18.10
CA ALA A 219 -2.79 2.68 -18.73
C ALA A 219 -1.91 1.54 -19.33
N VAL A 220 -1.91 0.37 -18.68
CA VAL A 220 -1.19 -0.80 -19.16
C VAL A 220 -1.86 -1.29 -20.49
N MET A 221 -3.18 -1.45 -20.51
CA MET A 221 -3.86 -1.88 -21.76
C MET A 221 -3.45 -0.95 -22.89
N LYS A 222 -3.57 0.33 -22.63
CA LYS A 222 -3.21 1.32 -23.63
C LYS A 222 -1.80 1.13 -24.17
N HIS A 223 -0.85 0.89 -23.27
CA HIS A 223 0.53 0.69 -23.69
C HIS A 223 0.70 -0.51 -24.61
N GLU A 224 -0.11 -1.53 -24.33
CA GLU A 224 -0.06 -2.79 -25.00
C GLU A 224 -1.08 -2.90 -26.13
N ASN A 225 -1.67 -1.77 -26.51
CA ASN A 225 -2.70 -1.72 -27.58
C ASN A 225 -3.71 -2.82 -27.38
N ASP A 226 -4.29 -2.81 -26.20
CA ASP A 226 -5.23 -3.81 -25.77
C ASP A 226 -6.40 -3.10 -25.10
N THR A 227 -7.24 -3.86 -24.41
CA THR A 227 -8.44 -3.25 -23.80
C THR A 227 -8.97 -4.01 -22.62
N LEU A 228 -9.49 -3.24 -21.65
CA LEU A 228 -10.06 -3.79 -20.43
C LEU A 228 -11.37 -4.52 -20.72
N VAL A 229 -12.15 -3.88 -21.58
CA VAL A 229 -13.44 -4.39 -21.99
C VAL A 229 -13.33 -5.84 -22.43
N GLY A 230 -14.24 -6.64 -21.91
CA GLY A 230 -14.23 -8.04 -22.18
C GLY A 230 -13.33 -8.69 -21.14
N LYS A 231 -12.23 -8.04 -20.80
CA LYS A 231 -11.33 -8.67 -19.84
C LYS A 231 -11.99 -9.23 -18.58
N THR A 232 -11.51 -10.41 -18.13
CA THR A 232 -11.90 -11.09 -16.88
C THR A 232 -10.72 -10.95 -15.89
N VAL A 233 -11.03 -10.84 -14.61
CA VAL A 233 -10.04 -10.62 -13.58
C VAL A 233 -10.25 -11.53 -12.39
N ALA A 234 -9.15 -12.10 -11.91
CA ALA A 234 -9.15 -12.86 -10.67
C ALA A 234 -8.77 -11.93 -9.51
N LEU A 235 -9.68 -11.76 -8.53
CA LEU A 235 -9.35 -10.95 -7.37
C LEU A 235 -9.13 -11.81 -6.18
N ALA A 236 -8.55 -11.19 -5.15
CA ALA A 236 -8.35 -11.83 -3.86
C ALA A 236 -9.02 -10.91 -2.81
N GLY A 237 -9.54 -11.50 -1.73
CA GLY A 237 -10.29 -10.79 -0.70
C GLY A 237 -11.70 -10.48 -1.20
N PHE A 238 -12.48 -9.80 -0.38
CA PHE A 238 -13.83 -9.30 -0.70
C PHE A 238 -13.85 -7.98 0.08
N GLY A 239 -12.65 -7.48 0.36
CA GLY A 239 -12.51 -6.28 1.15
C GLY A 239 -12.66 -4.94 0.41
N ASN A 240 -12.13 -3.91 1.05
CA ASN A 240 -12.16 -2.54 0.53
C ASN A 240 -11.52 -2.38 -0.84
N VAL A 241 -10.30 -2.88 -0.95
CA VAL A 241 -9.61 -2.76 -2.21
C VAL A 241 -10.32 -3.63 -3.26
N ALA A 242 -10.65 -4.88 -2.90
CA ALA A 242 -11.38 -5.78 -3.83
C ALA A 242 -12.69 -5.13 -4.27
N TRP A 243 -13.44 -4.64 -3.28
CA TRP A 243 -14.69 -3.95 -3.56
C TRP A 243 -14.49 -2.76 -4.55
N GLY A 244 -13.50 -1.91 -4.26
CA GLY A 244 -13.25 -0.76 -5.12
C GLY A 244 -12.87 -1.22 -6.55
N ALA A 245 -12.05 -2.26 -6.63
CA ALA A 245 -11.63 -2.71 -7.97
C ALA A 245 -12.80 -3.27 -8.83
N ALA A 246 -13.50 -4.23 -8.23
CA ALA A 246 -14.63 -4.90 -8.87
C ALA A 246 -15.50 -3.82 -9.44
N LYS A 247 -15.76 -2.85 -8.60
CA LYS A 247 -16.65 -1.78 -8.96
C LYS A 247 -16.22 -1.04 -10.19
N LYS A 248 -14.96 -0.58 -10.19
CA LYS A 248 -14.48 0.21 -11.34
C LYS A 248 -14.29 -0.67 -12.57
N LEU A 249 -13.86 -1.93 -12.37
CA LEU A 249 -13.71 -2.92 -13.46
C LEU A 249 -15.09 -3.02 -14.15
N ALA A 250 -16.08 -3.36 -13.34
CA ALA A 250 -17.43 -3.50 -13.85
C ALA A 250 -17.72 -2.27 -14.71
N GLU A 251 -17.77 -1.11 -14.08
CA GLU A 251 -18.03 0.14 -14.79
C GLU A 251 -17.23 0.30 -16.08
N LEU A 252 -16.06 -0.34 -16.13
CA LEU A 252 -15.20 -0.18 -17.28
C LEU A 252 -15.36 -1.18 -18.43
N GLY A 253 -16.18 -2.19 -18.24
CA GLY A 253 -16.41 -3.15 -19.30
C GLY A 253 -15.75 -4.46 -18.97
N ALA A 254 -15.11 -4.52 -17.83
CA ALA A 254 -14.41 -5.73 -17.43
C ALA A 254 -15.24 -6.40 -16.35
N LYS A 255 -14.77 -7.54 -15.82
CA LYS A 255 -15.46 -8.15 -14.69
C LYS A 255 -14.55 -9.03 -13.91
N ALA A 256 -14.70 -8.99 -12.60
CA ALA A 256 -13.97 -9.87 -11.72
C ALA A 256 -14.80 -11.14 -11.73
N VAL A 257 -14.18 -12.29 -11.51
CA VAL A 257 -14.92 -13.56 -11.50
C VAL A 257 -14.53 -14.33 -10.28
N THR A 258 -13.64 -13.75 -9.50
CA THR A 258 -13.29 -14.46 -8.30
C THR A 258 -13.15 -13.48 -7.15
N LEU A 259 -13.20 -14.06 -5.95
CA LEU A 259 -13.06 -13.39 -4.68
C LEU A 259 -12.40 -14.45 -3.81
N SER A 260 -11.79 -14.06 -2.72
CA SER A 260 -11.20 -15.08 -1.94
C SER A 260 -11.43 -14.78 -0.46
N GLY A 261 -11.18 -15.80 0.36
CA GLY A 261 -11.31 -15.74 1.81
C GLY A 261 -10.32 -16.72 2.44
N PRO A 262 -10.19 -16.69 3.77
CA PRO A 262 -9.29 -17.63 4.44
C PRO A 262 -9.92 -19.00 4.31
N ASP A 263 -11.21 -19.03 3.97
CA ASP A 263 -11.93 -20.27 3.82
C ASP A 263 -11.83 -20.92 2.45
N GLY A 264 -11.36 -20.19 1.45
CA GLY A 264 -11.25 -20.76 0.12
C GLY A 264 -11.36 -19.64 -0.90
N TYR A 265 -12.14 -19.86 -1.95
CA TYR A 265 -12.27 -18.83 -2.98
C TYR A 265 -13.48 -19.19 -3.78
N ILE A 266 -14.08 -18.19 -4.40
CA ILE A 266 -15.28 -18.43 -5.24
C ILE A 266 -15.07 -18.03 -6.68
N TYR A 267 -15.80 -18.71 -7.55
CA TYR A 267 -15.76 -18.44 -8.96
C TYR A 267 -17.16 -18.05 -9.40
N ASP A 268 -17.26 -16.93 -10.13
CA ASP A 268 -18.55 -16.39 -10.57
C ASP A 268 -18.36 -15.89 -11.99
N PRO A 269 -18.42 -16.85 -12.88
CA PRO A 269 -18.23 -16.66 -14.32
C PRO A 269 -19.09 -15.54 -14.94
N GLU A 270 -20.07 -15.11 -14.14
CA GLU A 270 -20.95 -14.01 -14.57
C GLU A 270 -20.22 -12.71 -14.33
N GLY A 271 -19.56 -12.66 -13.17
CA GLY A 271 -18.82 -11.49 -12.77
C GLY A 271 -19.52 -10.88 -11.57
N ILE A 272 -18.73 -10.39 -10.62
CA ILE A 272 -19.24 -9.73 -9.43
C ILE A 272 -19.44 -8.33 -10.00
N THR A 273 -20.42 -8.18 -10.89
CA THR A 273 -20.65 -6.91 -11.55
C THR A 273 -22.00 -6.26 -11.28
N THR A 274 -22.74 -6.77 -10.32
CA THR A 274 -24.02 -6.15 -10.07
C THR A 274 -23.98 -5.39 -8.79
N GLU A 275 -24.84 -4.39 -8.76
CA GLU A 275 -25.03 -3.57 -7.59
C GLU A 275 -25.25 -4.57 -6.48
N GLU A 276 -26.12 -5.52 -6.75
CA GLU A 276 -26.42 -6.49 -5.73
C GLU A 276 -25.15 -7.25 -5.34
N LYS A 277 -24.47 -7.77 -6.36
CA LYS A 277 -23.25 -8.53 -6.15
C LYS A 277 -22.18 -7.68 -5.45
N ILE A 278 -21.89 -6.54 -6.05
CA ILE A 278 -20.90 -5.66 -5.49
C ILE A 278 -21.21 -5.26 -4.05
N ASN A 279 -22.37 -4.64 -3.83
CA ASN A 279 -22.75 -4.24 -2.47
C ASN A 279 -22.71 -5.37 -1.44
N TYR A 280 -22.98 -6.61 -1.87
CA TYR A 280 -22.99 -7.65 -0.88
C TYR A 280 -21.62 -7.80 -0.23
N MET A 281 -20.59 -7.49 -1.01
CA MET A 281 -19.24 -7.65 -0.51
C MET A 281 -19.10 -6.84 0.74
N LEU A 282 -19.75 -5.68 0.75
CA LEU A 282 -19.71 -4.81 1.91
C LEU A 282 -20.44 -5.50 3.04
N GLU A 283 -21.49 -6.22 2.66
CA GLU A 283 -22.28 -6.95 3.62
C GLU A 283 -21.29 -7.91 4.31
N MET A 284 -20.74 -8.86 3.54
CA MET A 284 -19.80 -9.87 4.06
C MET A 284 -18.71 -9.28 4.94
N ARG A 285 -18.22 -8.13 4.52
CA ARG A 285 -17.15 -7.45 5.23
C ARG A 285 -17.71 -7.07 6.60
N ALA A 286 -18.87 -6.42 6.56
CA ALA A 286 -19.60 -5.99 7.75
C ALA A 286 -19.78 -7.17 8.71
N SER A 287 -20.57 -8.15 8.26
CA SER A 287 -20.84 -9.36 9.03
C SER A 287 -19.77 -9.71 10.08
N GLY A 288 -18.49 -9.57 9.71
CA GLY A 288 -17.39 -9.89 10.63
C GLY A 288 -17.27 -11.42 10.73
N ARG A 289 -17.93 -12.11 9.79
CA ARG A 289 -17.94 -13.57 9.70
C ARG A 289 -16.62 -14.07 9.13
N ASN A 290 -16.10 -13.31 8.18
CA ASN A 290 -14.83 -13.63 7.54
C ASN A 290 -14.93 -14.82 6.60
N LYS A 291 -16.04 -14.92 5.88
CA LYS A 291 -16.24 -16.05 4.96
C LYS A 291 -16.62 -15.73 3.54
N VAL A 292 -15.73 -16.04 2.60
CA VAL A 292 -16.04 -15.74 1.22
C VAL A 292 -17.17 -16.65 0.71
N GLN A 293 -17.41 -17.71 1.48
CA GLN A 293 -18.48 -18.66 1.16
C GLN A 293 -19.83 -17.97 1.05
N ASP A 294 -20.15 -17.15 2.05
CA ASP A 294 -21.40 -16.41 2.10
C ASP A 294 -21.79 -15.84 0.73
N TYR A 295 -20.81 -15.50 -0.08
CA TYR A 295 -21.11 -14.94 -1.39
C TYR A 295 -21.64 -16.03 -2.32
N ALA A 296 -21.05 -17.21 -2.22
CA ALA A 296 -21.44 -18.33 -3.06
C ALA A 296 -22.77 -18.88 -2.60
N ASP A 297 -22.94 -18.93 -1.26
CA ASP A 297 -24.19 -19.39 -0.67
C ASP A 297 -25.25 -18.48 -1.27
N LYS A 298 -25.14 -17.19 -0.94
CA LYS A 298 -26.05 -16.15 -1.43
C LYS A 298 -26.31 -16.21 -2.95
N PHE A 299 -25.26 -16.27 -3.74
CA PHE A 299 -25.49 -16.26 -5.17
C PHE A 299 -25.57 -17.59 -5.87
N GLY A 300 -25.23 -18.65 -5.14
CA GLY A 300 -25.25 -20.01 -5.66
C GLY A 300 -24.18 -20.15 -6.74
N VAL A 301 -22.94 -19.83 -6.36
CA VAL A 301 -21.79 -19.88 -7.25
C VAL A 301 -20.79 -20.82 -6.59
N GLN A 302 -19.87 -21.37 -7.38
CA GLN A 302 -18.87 -22.30 -6.86
C GLN A 302 -18.00 -21.85 -5.68
N PHE A 303 -17.87 -22.70 -4.67
CA PHE A 303 -16.98 -22.35 -3.61
C PHE A 303 -15.99 -23.46 -3.37
N PHE A 304 -14.73 -23.22 -3.70
CA PHE A 304 -13.71 -24.22 -3.47
C PHE A 304 -12.98 -23.94 -2.15
N PRO A 305 -13.35 -24.62 -1.07
CA PRO A 305 -12.69 -24.40 0.23
C PRO A 305 -11.18 -24.57 0.20
N GLY A 306 -10.52 -23.95 1.17
CA GLY A 306 -9.07 -23.99 1.32
C GLY A 306 -8.30 -23.97 -0.01
N GLU A 307 -8.73 -23.11 -0.92
CA GLU A 307 -8.09 -23.04 -2.23
C GLU A 307 -7.90 -21.59 -2.70
N LYS A 308 -6.76 -21.32 -3.33
CA LYS A 308 -6.50 -19.99 -3.87
C LYS A 308 -7.02 -19.90 -5.31
N PRO A 309 -7.65 -18.79 -5.64
CA PRO A 309 -8.21 -18.64 -6.98
C PRO A 309 -7.14 -18.51 -8.09
N TRP A 310 -5.86 -18.61 -7.75
CA TRP A 310 -4.77 -18.49 -8.74
C TRP A 310 -4.72 -19.55 -9.87
N GLY A 311 -5.58 -20.56 -9.78
CA GLY A 311 -5.68 -21.61 -10.78
C GLY A 311 -6.69 -21.33 -11.90
N GLN A 312 -7.59 -20.40 -11.68
CA GLN A 312 -8.57 -20.09 -12.70
C GLN A 312 -7.96 -19.36 -13.89
N LYS A 313 -8.47 -19.66 -15.06
CA LYS A 313 -8.01 -18.99 -16.25
C LYS A 313 -8.74 -17.66 -16.42
N VAL A 314 -7.99 -16.56 -16.31
CA VAL A 314 -8.55 -15.23 -16.51
C VAL A 314 -7.54 -14.41 -17.28
N ASP A 315 -7.97 -13.25 -17.74
CA ASP A 315 -7.08 -12.34 -18.46
C ASP A 315 -6.14 -11.58 -17.53
N ILE A 316 -6.57 -11.28 -16.31
CA ILE A 316 -5.80 -10.44 -15.41
C ILE A 316 -5.94 -10.93 -14.03
N ILE A 317 -4.78 -11.02 -13.36
CA ILE A 317 -4.64 -11.46 -11.98
C ILE A 317 -4.36 -10.23 -11.09
N MET A 318 -5.17 -9.99 -10.06
CA MET A 318 -4.95 -8.83 -9.14
C MET A 318 -5.07 -9.28 -7.70
N PRO A 319 -3.95 -9.57 -7.05
CA PRO A 319 -4.02 -10.01 -5.66
C PRO A 319 -4.24 -8.77 -4.84
N CYS A 320 -5.38 -8.72 -4.15
CA CYS A 320 -5.79 -7.55 -3.36
C CYS A 320 -5.87 -7.85 -1.91
N ALA A 321 -5.15 -8.83 -1.41
CA ALA A 321 -5.36 -9.12 -0.01
C ALA A 321 -4.19 -9.26 0.93
N THR A 322 -3.47 -10.37 0.81
CA THR A 322 -2.37 -10.60 1.73
C THR A 322 -1.02 -10.85 1.15
N GLN A 323 -0.04 -10.56 2.01
CA GLN A 323 1.33 -10.71 1.65
C GLN A 323 1.53 -12.16 1.23
N ASN A 324 2.55 -12.37 0.42
CA ASN A 324 2.98 -13.70 0.04
C ASN A 324 1.82 -14.67 -0.17
N ASP A 325 0.79 -14.15 -0.82
CA ASP A 325 -0.42 -14.89 -1.20
C ASP A 325 0.07 -15.77 -2.37
N VAL A 326 0.63 -15.14 -3.41
CA VAL A 326 1.16 -15.88 -4.55
C VAL A 326 2.60 -16.40 -4.31
N ASP A 327 2.74 -17.73 -4.20
CA ASP A 327 4.06 -18.34 -4.07
C ASP A 327 4.45 -18.98 -5.41
N LEU A 328 5.60 -19.64 -5.43
CA LEU A 328 6.09 -20.24 -6.69
C LEU A 328 5.01 -21.16 -7.26
N GLU A 329 4.47 -21.94 -6.32
CA GLU A 329 3.39 -22.90 -6.54
C GLU A 329 2.20 -22.25 -7.26
N GLN A 330 1.91 -21.01 -6.92
CA GLN A 330 0.78 -20.32 -7.53
C GLN A 330 1.21 -19.65 -8.81
N ALA A 331 2.45 -19.15 -8.83
CA ALA A 331 2.97 -18.51 -10.05
C ALA A 331 2.98 -19.52 -11.21
N LYS A 332 3.42 -20.75 -10.93
CA LYS A 332 3.49 -21.79 -11.98
C LYS A 332 2.14 -22.07 -12.58
N LYS A 333 1.12 -22.09 -11.72
CA LYS A 333 -0.25 -22.32 -12.20
C LYS A 333 -0.67 -21.14 -13.03
N ILE A 334 -0.28 -19.95 -12.57
CA ILE A 334 -0.64 -18.75 -13.31
C ILE A 334 0.05 -18.81 -14.69
N VAL A 335 1.34 -19.18 -14.67
CA VAL A 335 2.15 -19.24 -15.90
C VAL A 335 1.57 -20.25 -16.89
N ALA A 336 1.33 -21.45 -16.38
CA ALA A 336 0.73 -22.55 -17.13
C ALA A 336 -0.61 -22.13 -17.77
N ASN A 337 -1.28 -21.15 -17.17
CA ASN A 337 -2.53 -20.68 -17.72
C ASN A 337 -2.37 -19.60 -18.80
N ASN A 338 -1.13 -19.19 -19.04
CA ASN A 338 -0.91 -18.18 -20.06
C ASN A 338 -1.56 -16.82 -19.85
N VAL A 339 -1.59 -16.41 -18.59
CA VAL A 339 -2.11 -15.09 -18.24
C VAL A 339 -0.96 -14.12 -18.55
N LYS A 340 -1.24 -13.07 -19.32
CA LYS A 340 -0.21 -12.09 -19.56
C LYS A 340 -0.10 -11.03 -18.44
N TYR A 341 -1.22 -10.67 -17.83
CA TYR A 341 -1.20 -9.61 -16.84
C TYR A 341 -1.14 -10.02 -15.42
N TYR A 342 -0.03 -9.69 -14.75
CA TYR A 342 0.14 -9.95 -13.33
C TYR A 342 0.26 -8.57 -12.63
N ILE A 343 -0.78 -8.15 -11.91
CA ILE A 343 -0.86 -6.82 -11.27
C ILE A 343 -1.02 -6.85 -9.76
N GLU A 344 0.09 -6.66 -9.03
CA GLU A 344 0.04 -6.64 -7.56
C GLU A 344 -0.76 -5.44 -7.09
N VAL A 345 -1.67 -5.68 -6.19
CA VAL A 345 -2.43 -4.57 -5.67
C VAL A 345 -2.23 -4.47 -4.16
N ALA A 346 -2.47 -5.57 -3.47
CA ALA A 346 -2.23 -5.62 -2.05
C ALA A 346 -0.73 -5.36 -1.86
N ASN A 347 -0.28 -5.12 -0.63
CA ASN A 347 1.16 -4.93 -0.38
C ASN A 347 1.96 -6.27 -0.35
N MET A 348 3.04 -6.35 -1.11
CA MET A 348 3.84 -7.58 -1.15
C MET A 348 3.01 -8.88 -1.13
N PRO A 349 2.14 -9.06 -2.12
CA PRO A 349 1.28 -10.25 -2.18
C PRO A 349 1.97 -11.44 -2.87
N THR A 350 3.21 -11.20 -3.31
CA THR A 350 4.01 -12.20 -4.03
C THR A 350 5.36 -12.36 -3.36
N THR A 351 5.77 -13.63 -3.19
CA THR A 351 7.08 -13.97 -2.63
C THR A 351 8.13 -13.62 -3.67
N ASN A 352 9.36 -13.45 -3.24
CA ASN A 352 10.35 -13.14 -4.25
C ASN A 352 10.66 -14.24 -5.23
N GLU A 353 10.59 -15.49 -4.81
CA GLU A 353 10.88 -16.53 -5.78
C GLU A 353 9.80 -16.33 -6.80
N ALA A 354 8.54 -16.31 -6.36
CA ALA A 354 7.49 -16.18 -7.34
C ALA A 354 7.70 -14.95 -8.24
N LEU A 355 8.09 -13.83 -7.63
CA LEU A 355 8.30 -12.62 -8.42
C LEU A 355 9.29 -12.75 -9.53
N ARG A 356 10.50 -13.25 -9.23
CA ARG A 356 11.60 -13.40 -10.21
C ARG A 356 11.12 -14.27 -11.34
N PHE A 357 10.51 -15.38 -10.93
CA PHE A 357 9.92 -16.33 -11.85
C PHE A 357 9.00 -15.61 -12.85
N LEU A 358 7.99 -14.89 -12.36
CA LEU A 358 7.04 -14.22 -13.26
C LEU A 358 7.76 -13.21 -14.15
N MET A 359 8.78 -12.60 -13.57
CA MET A 359 9.55 -11.58 -14.29
C MET A 359 10.45 -12.14 -15.36
N GLN A 360 10.79 -13.42 -15.22
CA GLN A 360 11.60 -14.11 -16.23
C GLN A 360 10.77 -14.45 -17.46
N GLN A 361 9.45 -14.50 -17.29
CA GLN A 361 8.49 -14.85 -18.34
C GLN A 361 8.38 -13.72 -19.33
N PRO A 362 8.82 -14.00 -20.54
CA PRO A 362 8.92 -13.04 -21.62
C PRO A 362 7.61 -12.47 -22.11
N ASN A 363 6.54 -13.21 -21.98
CA ASN A 363 5.33 -12.63 -22.49
C ASN A 363 4.43 -11.81 -21.55
N MET A 364 4.76 -11.87 -20.26
CA MET A 364 3.98 -11.23 -19.21
C MET A 364 4.24 -9.79 -18.89
N VAL A 365 3.27 -9.20 -18.20
CA VAL A 365 3.38 -7.85 -17.73
C VAL A 365 3.14 -7.97 -16.26
N VAL A 366 4.16 -7.59 -15.50
CA VAL A 366 4.14 -7.62 -14.04
C VAL A 366 4.26 -6.21 -13.48
N ALA A 367 3.27 -5.77 -12.72
CA ALA A 367 3.23 -4.41 -12.15
C ALA A 367 3.43 -4.48 -10.63
N PRO A 368 4.37 -3.68 -10.05
CA PRO A 368 4.61 -3.74 -8.60
C PRO A 368 3.57 -2.99 -7.80
N SER A 369 3.30 -3.52 -6.61
CA SER A 369 2.29 -2.92 -5.75
C SER A 369 2.56 -1.45 -5.38
N LYS A 370 3.82 -1.10 -5.15
CA LYS A 370 4.11 0.27 -4.72
C LYS A 370 3.58 1.30 -5.68
N ALA A 371 3.51 0.94 -6.96
CA ALA A 371 2.96 1.87 -7.97
C ALA A 371 1.46 1.68 -8.13
N VAL A 372 1.04 0.44 -8.21
CA VAL A 372 -0.37 0.14 -8.44
C VAL A 372 -1.27 0.57 -7.31
N ASN A 373 -0.85 0.40 -6.08
CA ASN A 373 -1.75 0.80 -5.04
C ASN A 373 -1.57 2.27 -4.57
N ALA A 374 -0.83 3.06 -5.32
CA ALA A 374 -0.62 4.44 -4.93
C ALA A 374 -1.87 5.34 -4.80
N GLY A 375 -3.05 4.87 -5.25
CA GLY A 375 -4.29 5.69 -5.24
C GLY A 375 -4.75 6.01 -3.82
N GLY A 376 -4.47 5.10 -2.93
CA GLY A 376 -4.85 5.38 -1.58
C GLY A 376 -3.99 6.51 -1.01
N VAL A 377 -2.67 6.47 -1.19
CA VAL A 377 -1.83 7.56 -0.63
C VAL A 377 -2.15 8.85 -1.37
N LEU A 378 -2.53 8.72 -2.63
CA LEU A 378 -2.85 9.89 -3.45
C LEU A 378 -4.07 10.63 -2.84
N VAL A 379 -5.12 9.90 -2.50
CA VAL A 379 -6.30 10.49 -1.82
C VAL A 379 -5.97 11.03 -0.43
N SER A 380 -5.00 10.43 0.25
CA SER A 380 -4.53 10.96 1.53
C SER A 380 -3.90 12.36 1.26
N GLY A 381 -3.08 12.50 0.22
CA GLY A 381 -2.50 13.82 -0.11
C GLY A 381 -3.60 14.86 -0.47
N PHE A 382 -4.62 14.42 -1.20
CA PHE A 382 -5.73 15.32 -1.56
C PHE A 382 -6.49 15.71 -0.28
N GLU A 383 -6.66 14.79 0.67
CA GLU A 383 -7.35 15.13 1.93
C GLU A 383 -6.52 16.21 2.67
N MET A 384 -5.21 16.02 2.72
CA MET A 384 -4.33 17.04 3.37
C MET A 384 -4.45 18.39 2.66
N SER A 385 -4.51 18.38 1.33
CA SER A 385 -4.74 19.65 0.59
C SER A 385 -6.08 20.27 0.96
N GLN A 386 -7.14 19.47 1.02
CA GLN A 386 -8.46 19.97 1.35
C GLN A 386 -8.47 20.51 2.77
N ASN A 387 -7.84 19.79 3.67
CA ASN A 387 -7.83 20.30 5.02
C ASN A 387 -7.02 21.63 5.12
N SER A 388 -5.96 21.77 4.34
CA SER A 388 -5.16 23.03 4.36
C SER A 388 -5.95 24.19 3.74
N GLU A 389 -6.72 23.91 2.68
CA GLU A 389 -7.55 24.95 2.08
C GLU A 389 -8.79 25.22 2.91
N ARG A 390 -9.10 24.32 3.83
CA ARG A 390 -10.28 24.47 4.70
C ARG A 390 -11.57 24.37 3.92
N LEU A 391 -11.62 23.45 2.97
CA LEU A 391 -12.85 23.21 2.15
C LEU A 391 -12.84 21.77 1.69
N SER A 392 -13.89 21.40 0.94
CA SER A 392 -13.98 20.01 0.42
C SER A 392 -13.98 20.09 -1.08
N TRP A 393 -13.40 19.12 -1.76
CA TRP A 393 -13.48 19.13 -3.23
C TRP A 393 -14.64 18.21 -3.51
N THR A 394 -15.18 18.28 -4.72
CA THR A 394 -16.25 17.39 -5.10
C THR A 394 -15.67 16.02 -5.46
N ALA A 395 -16.52 14.99 -5.53
CA ALA A 395 -16.07 13.65 -5.88
C ALA A 395 -15.51 13.59 -7.29
N GLU A 396 -16.08 14.38 -8.20
CA GLU A 396 -15.60 14.40 -9.60
C GLU A 396 -14.16 14.96 -9.63
N GLU A 397 -13.91 16.00 -8.87
CA GLU A 397 -12.58 16.59 -8.77
C GLU A 397 -11.56 15.56 -8.27
N VAL A 398 -11.84 14.92 -7.12
CA VAL A 398 -10.86 13.97 -6.58
C VAL A 398 -10.61 12.82 -7.57
N ASP A 399 -11.70 12.23 -8.07
CA ASP A 399 -11.62 11.08 -9.00
C ASP A 399 -10.86 11.44 -10.26
N SER A 400 -11.09 12.65 -10.77
CA SER A 400 -10.40 13.04 -11.99
C SER A 400 -8.92 13.23 -11.78
N LYS A 401 -8.50 13.80 -10.67
CA LYS A 401 -7.06 13.92 -10.41
C LYS A 401 -6.48 12.51 -10.17
N LEU A 402 -7.23 11.68 -9.45
CA LEU A 402 -6.78 10.32 -9.15
C LEU A 402 -6.44 9.62 -10.44
N HIS A 403 -7.40 9.68 -11.32
CA HIS A 403 -7.24 9.06 -12.60
C HIS A 403 -6.01 9.55 -13.42
N GLN A 404 -5.79 10.85 -13.48
CA GLN A 404 -4.69 11.38 -14.30
C GLN A 404 -3.34 11.00 -13.72
N VAL A 405 -3.21 11.08 -12.41
CA VAL A 405 -1.99 10.71 -11.76
C VAL A 405 -1.67 9.18 -11.88
N MET A 406 -2.68 8.33 -11.69
CA MET A 406 -2.42 6.90 -11.81
C MET A 406 -1.85 6.59 -13.22
N THR A 407 -2.39 7.24 -14.23
CA THR A 407 -1.92 7.04 -15.59
C THR A 407 -0.47 7.49 -15.70
N ASP A 408 -0.20 8.66 -15.12
CA ASP A 408 1.16 9.18 -15.10
C ASP A 408 2.15 8.29 -14.39
N ILE A 409 1.74 7.64 -13.31
CA ILE A 409 2.66 6.77 -12.57
C ILE A 409 3.04 5.59 -13.49
N HIS A 410 2.07 5.04 -14.18
CA HIS A 410 2.39 3.96 -15.10
C HIS A 410 3.33 4.45 -16.21
N ASP A 411 2.91 5.51 -16.90
CA ASP A 411 3.67 6.08 -18.02
C ASP A 411 5.07 6.53 -17.67
N GLY A 412 5.21 7.15 -16.51
CA GLY A 412 6.55 7.61 -16.12
C GLY A 412 7.40 6.41 -15.82
N SER A 413 6.81 5.38 -15.23
CA SER A 413 7.58 4.20 -14.87
C SER A 413 8.12 3.51 -16.13
N ALA A 414 7.26 3.40 -17.15
CA ALA A 414 7.66 2.76 -18.39
C ALA A 414 8.75 3.60 -19.02
N ALA A 415 8.56 4.90 -19.04
CA ALA A 415 9.53 5.78 -19.67
C ALA A 415 10.88 5.66 -18.99
N ALA A 416 10.85 5.60 -17.68
CA ALA A 416 12.10 5.50 -16.98
C ALA A 416 12.80 4.18 -17.28
N ALA A 417 12.07 3.09 -17.24
CA ALA A 417 12.68 1.80 -17.45
C ALA A 417 13.30 1.80 -18.83
N GLU A 418 12.51 2.25 -19.77
CA GLU A 418 12.96 2.32 -21.12
C GLU A 418 14.26 3.08 -21.28
N ARG A 419 14.32 4.25 -20.70
CA ARG A 419 15.55 5.06 -20.77
C ARG A 419 16.81 4.42 -20.22
N TYR A 420 16.68 3.53 -19.26
CA TYR A 420 17.91 2.96 -18.77
C TYR A 420 18.09 1.62 -19.47
N GLY A 421 17.41 1.49 -20.60
CA GLY A 421 17.48 0.29 -21.38
C GLY A 421 16.89 -0.95 -20.70
N LEU A 422 15.85 -0.82 -19.90
CA LEU A 422 15.36 -2.03 -19.26
C LEU A 422 14.12 -2.59 -19.94
N GLY A 423 13.69 -1.97 -21.01
CA GLY A 423 12.48 -2.51 -21.61
C GLY A 423 11.29 -2.05 -20.79
N TYR A 424 10.19 -2.78 -20.93
CA TYR A 424 8.92 -2.51 -20.24
C TYR A 424 9.02 -3.27 -18.92
N ASN A 425 9.78 -2.72 -18.01
CA ASN A 425 9.95 -3.37 -16.75
C ASN A 425 9.31 -2.42 -15.76
N LEU A 426 8.02 -2.60 -15.52
CA LEU A 426 7.30 -1.69 -14.63
C LEU A 426 7.80 -1.76 -13.19
N VAL A 427 8.38 -2.90 -12.82
CA VAL A 427 8.88 -3.06 -11.46
C VAL A 427 10.09 -2.16 -11.17
N ALA A 428 11.11 -2.20 -12.04
CA ALA A 428 12.32 -1.37 -11.89
C ALA A 428 11.93 0.07 -12.16
N GLY A 429 11.06 0.27 -13.12
CA GLY A 429 10.60 1.62 -13.47
C GLY A 429 10.03 2.34 -12.23
N ALA A 430 9.25 1.62 -11.42
CA ALA A 430 8.67 2.28 -10.26
C ALA A 430 9.81 2.65 -9.33
N ASN A 431 10.65 1.69 -9.06
CA ASN A 431 11.73 2.04 -8.17
C ASN A 431 12.54 3.26 -8.60
N ILE A 432 12.86 3.31 -9.88
CA ILE A 432 13.67 4.37 -10.45
C ILE A 432 13.01 5.75 -10.38
N VAL A 433 11.78 5.84 -10.83
CA VAL A 433 11.07 7.13 -10.75
C VAL A 433 10.99 7.62 -9.28
N GLY A 434 10.60 6.72 -8.39
CA GLY A 434 10.54 7.03 -6.97
C GLY A 434 11.90 7.52 -6.46
N PHE A 435 12.96 6.79 -6.79
CA PHE A 435 14.32 7.13 -6.33
C PHE A 435 14.81 8.47 -6.83
N GLN A 436 14.63 8.74 -8.12
CA GLN A 436 15.15 9.97 -8.67
C GLN A 436 14.73 11.23 -8.00
N LYS A 437 13.46 11.38 -7.65
CA LYS A 437 12.98 12.61 -7.01
C LYS A 437 13.59 12.77 -5.64
N ILE A 438 13.62 11.67 -4.91
CA ILE A 438 14.19 11.67 -3.61
C ILE A 438 15.67 12.04 -3.67
N ALA A 439 16.40 11.47 -4.63
CA ALA A 439 17.83 11.76 -4.75
C ALA A 439 18.11 13.25 -5.08
N ASP A 440 17.30 13.79 -5.99
CA ASP A 440 17.40 15.17 -6.39
C ASP A 440 17.25 16.00 -5.15
N ALA A 441 16.18 15.74 -4.44
CA ALA A 441 15.90 16.51 -3.21
C ALA A 441 17.04 16.42 -2.17
N MET A 442 17.54 15.23 -1.91
CA MET A 442 18.63 15.07 -0.96
C MET A 442 19.93 15.73 -1.42
N MET A 443 20.22 15.61 -2.72
CA MET A 443 21.46 16.20 -3.23
C MET A 443 21.36 17.72 -3.02
N ALA A 444 20.24 18.32 -3.43
CA ALA A 444 20.02 19.79 -3.25
C ALA A 444 20.04 20.25 -1.78
N GLN A 445 19.53 19.42 -0.84
CA GLN A 445 19.49 19.78 0.59
C GLN A 445 20.80 19.63 1.38
N GLY A 446 21.80 19.03 0.73
CA GLY A 446 23.09 18.87 1.40
C GLY A 446 23.14 17.77 2.42
N ILE A 447 24.21 17.76 3.18
CA ILE A 447 24.50 16.80 4.18
C ILE A 447 24.07 17.39 5.48
N ALA A 448 22.82 17.20 5.85
CA ALA A 448 22.26 17.63 7.14
C ALA A 448 21.61 16.29 7.53
N TRP A 449 20.58 15.85 6.80
CA TRP A 449 20.06 14.48 6.92
C TRP A 449 20.82 13.76 5.80
#